data_7Z0C
#
_entry.id   7Z0C
#
_cell.length_a   60.990
_cell.length_b   60.990
_cell.length_c   110.080
_cell.angle_alpha   90.000
_cell.angle_beta   90.000
_cell.angle_gamma   120.000
#
_symmetry.space_group_name_H-M   'P 63'
#
loop_
_entity.id
_entity.type
_entity.pdbx_description
1 polymer Bacteriorhodopsin
2 non-polymer EICOSANE
3 non-polymer '(2R)-2,3-dihydroxypropyl (9Z)-octadec-9-enoate'
4 non-polymer 'OLEIC ACID'
5 water water
#
_entity_poly.entity_id   1
_entity_poly.type   'polypeptide(L)'
_entity_poly.pdbx_seq_one_letter_code
;QAQITGRPEWIWLALGTALMGLGTLYFLVKGMGVSDPDAKKFYAITTLVPAIAFTMYLSMLLGYGLTMVPFGGEQNPIYW
ARYADWLFTTPLLLLDLALLVDADQGTILALVGADGIMIGTGLVGALTKVYSYRFVWWAISTAAMLYILYVLFFGFTSKA
ESMRPEVASTFKVLRNVTVVLWSAYPVVWLIGSEGAGIVPLNIETLLFMVLDVSA(LYR)VGFGLILLRSRAIFGEAEAP
EPSAGDGAAATS
;
_entity_poly.pdbx_strand_id   A
#
loop_
_chem_comp.id
_chem_comp.type
_chem_comp.name
_chem_comp.formula
LFA non-polymer EICOSANE 'C20 H42'
OLA non-polymer 'OLEIC ACID' 'C18 H34 O2'
OLC non-polymer '(2R)-2,3-dihydroxypropyl (9Z)-octadec-9-enoate' 'C21 H40 O4'
#
# COMPACT_ATOMS: atom_id res chain seq x y z
N THR A 5 -13.25 17.68 -12.19
CA THR A 5 -13.48 16.98 -13.45
C THR A 5 -12.57 17.58 -14.53
N GLY A 6 -11.82 18.62 -14.13
CA GLY A 6 -10.88 19.31 -15.03
C GLY A 6 -9.65 18.46 -15.32
N ARG A 7 -9.35 17.52 -14.43
N ARG A 7 -9.31 17.51 -14.42
CA ARG A 7 -8.19 16.61 -14.61
CA ARG A 7 -8.18 16.63 -14.60
C ARG A 7 -8.72 15.27 -15.12
C ARG A 7 -8.68 15.26 -15.09
N PRO A 8 -8.21 14.71 -16.23
CA PRO A 8 -8.73 13.46 -16.77
C PRO A 8 -8.66 12.30 -15.77
N GLU A 9 -7.70 12.31 -14.85
CA GLU A 9 -7.61 11.23 -13.89
C GLU A 9 -8.67 11.30 -12.79
N TRP A 10 -9.52 12.33 -12.79
CA TRP A 10 -10.50 12.48 -11.72
C TRP A 10 -11.36 11.23 -11.56
N ILE A 11 -11.71 10.58 -12.69
CA ILE A 11 -12.61 9.44 -12.62
C ILE A 11 -12.01 8.32 -11.79
N TRP A 12 -10.69 8.10 -11.91
CA TRP A 12 -10.07 7.03 -11.16
C TRP A 12 -9.90 7.40 -9.69
N LEU A 13 -9.65 8.69 -9.42
CA LEU A 13 -9.63 9.16 -8.04
C LEU A 13 -10.99 9.03 -7.40
N ALA A 14 -12.05 9.31 -8.16
CA ALA A 14 -13.43 9.20 -7.64
C ALA A 14 -13.77 7.73 -7.38
N LEU A 15 -13.41 6.86 -8.31
N LEU A 15 -13.45 6.86 -8.33
CA LEU A 15 -13.67 5.40 -8.18
CA LEU A 15 -13.70 5.42 -8.15
C LEU A 15 -12.86 4.85 -7.00
C LEU A 15 -12.88 4.90 -6.95
N GLY A 16 -11.62 5.33 -6.84
CA GLY A 16 -10.78 4.89 -5.70
C GLY A 16 -11.39 5.34 -4.39
N THR A 17 -11.83 6.59 -4.32
CA THR A 17 -12.47 7.10 -3.12
C THR A 17 -13.68 6.25 -2.75
N ALA A 18 -14.52 5.96 -3.74
CA ALA A 18 -15.74 5.19 -3.49
C ALA A 18 -15.41 3.77 -3.05
N LEU A 19 -14.47 3.11 -3.74
CA LEU A 19 -14.14 1.74 -3.39
C LEU A 19 -13.48 1.63 -2.02
N MET A 20 -12.58 2.56 -1.67
CA MET A 20 -11.98 2.54 -0.35
C MET A 20 -13.03 2.84 0.72
N GLY A 21 -13.95 3.76 0.44
CA GLY A 21 -15.00 4.06 1.40
C GLY A 21 -15.92 2.88 1.64
N LEU A 22 -16.38 2.24 0.55
N LEU A 22 -16.37 2.24 0.55
CA LEU A 22 -17.24 1.07 0.67
CA LEU A 22 -17.23 1.08 0.66
C LEU A 22 -16.51 -0.07 1.38
C LEU A 22 -16.52 -0.07 1.37
N GLY A 23 -15.25 -0.29 1.04
CA GLY A 23 -14.49 -1.33 1.72
C GLY A 23 -14.37 -1.07 3.21
N THR A 24 -14.08 0.19 3.59
CA THR A 24 -14.03 0.55 5.01
C THR A 24 -15.35 0.23 5.70
N LEU A 25 -16.48 0.65 5.11
CA LEU A 25 -17.77 0.42 5.74
C LEU A 25 -18.06 -1.08 5.84
N TYR A 26 -17.73 -1.84 4.79
CA TYR A 26 -17.94 -3.29 4.86
C TYR A 26 -17.13 -3.93 5.98
N PHE A 27 -15.84 -3.57 6.08
CA PHE A 27 -15.02 -4.17 7.13
C PHE A 27 -15.48 -3.73 8.51
N LEU A 28 -15.93 -2.47 8.64
N LEU A 28 -15.96 -2.49 8.63
CA LEU A 28 -16.49 -1.99 9.90
CA LEU A 28 -16.46 -2.00 9.91
C LEU A 28 -17.67 -2.83 10.33
C LEU A 28 -17.69 -2.79 10.35
N VAL A 29 -18.62 -3.04 9.42
CA VAL A 29 -19.81 -3.82 9.75
C VAL A 29 -19.43 -5.27 10.05
N LYS A 30 -18.53 -5.84 9.24
CA LYS A 30 -18.16 -7.24 9.40
C LYS A 30 -17.52 -7.48 10.77
N GLY A 31 -16.68 -6.53 11.21
CA GLY A 31 -15.98 -6.70 12.49
C GLY A 31 -16.86 -6.45 13.69
N MET A 32 -18.05 -5.95 13.49
N MET A 32 -18.09 -5.98 13.46
CA MET A 32 -18.95 -5.67 14.64
CA MET A 32 -18.99 -5.70 14.59
C MET A 32 -19.24 -6.98 15.37
C MET A 32 -19.26 -7.01 15.32
N GLY A 33 -19.16 -6.99 16.66
CA GLY A 33 -19.48 -8.17 17.47
C GLY A 33 -18.31 -9.12 17.64
N VAL A 34 -17.18 -8.88 16.97
CA VAL A 34 -16.04 -9.75 17.14
C VAL A 34 -15.44 -9.54 18.52
N SER A 35 -15.32 -10.62 19.29
CA SER A 35 -14.83 -10.53 20.66
C SER A 35 -13.45 -11.13 20.84
N ASP A 36 -13.03 -12.03 19.97
CA ASP A 36 -11.73 -12.67 20.09
C ASP A 36 -10.63 -11.61 20.02
N PRO A 37 -9.75 -11.52 21.02
CA PRO A 37 -8.72 -10.46 20.98
C PRO A 37 -7.82 -10.52 19.75
N ASP A 38 -7.44 -11.72 19.30
CA ASP A 38 -6.61 -11.80 18.11
C ASP A 38 -7.35 -11.28 16.89
N ALA A 39 -8.60 -11.71 16.70
CA ALA A 39 -9.38 -11.26 15.55
C ALA A 39 -9.61 -9.76 15.60
N LYS A 40 -9.75 -9.19 16.81
CA LYS A 40 -9.92 -7.75 16.95
C LYS A 40 -8.72 -6.99 16.37
N LYS A 41 -7.50 -7.49 16.61
CA LYS A 41 -6.32 -6.86 16.05
C LYS A 41 -6.39 -6.84 14.53
N PHE A 42 -6.74 -7.98 13.93
CA PHE A 42 -6.77 -8.06 12.47
C PHE A 42 -7.86 -7.17 11.90
N TYR A 43 -9.04 -7.16 12.52
CA TYR A 43 -10.10 -6.28 12.05
C TYR A 43 -9.70 -4.82 12.17
N ALA A 44 -9.04 -4.45 13.27
CA ALA A 44 -8.64 -3.06 13.45
C ALA A 44 -7.63 -2.65 12.40
N ILE A 45 -6.56 -3.44 12.23
CA ILE A 45 -5.54 -3.12 11.24
C ILE A 45 -6.18 -3.01 9.86
N THR A 46 -6.99 -4.01 9.51
CA THR A 46 -7.48 -4.18 8.16
C THR A 46 -8.59 -3.21 7.80
N THR A 47 -9.30 -2.67 8.80
CA THR A 47 -10.30 -1.63 8.55
C THR A 47 -9.64 -0.26 8.47
N LEU A 48 -8.60 -0.02 9.27
N LEU A 48 -8.59 -0.05 9.26
CA LEU A 48 -7.89 1.26 9.23
CA LEU A 48 -7.87 1.21 9.27
C LEU A 48 -7.25 1.50 7.88
C LEU A 48 -7.19 1.49 7.93
N VAL A 49 -6.74 0.44 7.24
CA VAL A 49 -6.04 0.56 5.97
C VAL A 49 -6.88 1.26 4.90
N PRO A 50 -8.07 0.75 4.54
CA PRO A 50 -8.85 1.48 3.54
C PRO A 50 -9.46 2.76 4.07
N ALA A 51 -9.60 2.91 5.39
CA ALA A 51 -10.11 4.17 5.91
C ALA A 51 -9.11 5.30 5.64
N ILE A 52 -7.82 5.02 5.90
CA ILE A 52 -6.77 5.99 5.60
C ILE A 52 -6.72 6.23 4.10
N ALA A 53 -6.77 5.15 3.30
CA ALA A 53 -6.72 5.31 1.85
C ALA A 53 -7.91 6.12 1.33
N PHE A 54 -9.09 5.92 1.93
CA PHE A 54 -10.26 6.72 1.57
C PHE A 54 -9.97 8.21 1.73
N THR A 55 -9.39 8.60 2.87
CA THR A 55 -9.15 10.02 3.10
C THR A 55 -8.14 10.57 2.12
N MET A 56 -7.12 9.77 1.77
CA MET A 56 -6.09 10.26 0.87
C MET A 56 -6.56 10.28 -0.58
N TYR A 57 -7.37 9.29 -0.97
CA TYR A 57 -8.00 9.35 -2.28
C TYR A 57 -8.90 10.58 -2.39
N LEU A 58 -9.66 10.87 -1.32
CA LEU A 58 -10.52 12.03 -1.39
C LEU A 58 -9.69 13.31 -1.49
N SER A 59 -8.57 13.37 -0.78
N SER A 59 -8.59 13.38 -0.74
CA SER A 59 -7.72 14.56 -0.86
CA SER A 59 -7.68 14.52 -0.84
C SER A 59 -7.14 14.74 -2.25
C SER A 59 -7.20 14.73 -2.27
N MET A 60 -6.84 13.64 -2.96
CA MET A 60 -6.40 13.77 -4.35
C MET A 60 -7.55 14.20 -5.25
N LEU A 61 -8.74 13.62 -5.04
CA LEU A 61 -9.90 13.98 -5.84
C LEU A 61 -10.21 15.47 -5.74
N LEU A 62 -10.14 16.02 -4.52
CA LEU A 62 -10.49 17.42 -4.28
C LEU A 62 -9.34 18.36 -4.60
N GLY A 63 -8.15 17.84 -4.90
CA GLY A 63 -7.02 18.63 -5.32
C GLY A 63 -6.04 19.00 -4.23
N TYR A 64 -6.36 18.68 -2.97
CA TYR A 64 -5.47 19.05 -1.88
C TYR A 64 -4.18 18.24 -1.93
N GLY A 65 -4.28 16.98 -2.31
CA GLY A 65 -3.13 16.10 -2.25
C GLY A 65 -2.26 16.13 -3.50
N LEU A 66 -2.36 17.21 -4.28
CA LEU A 66 -1.61 17.40 -5.50
C LEU A 66 -0.70 18.62 -5.38
N THR A 67 0.51 18.51 -5.92
CA THR A 67 1.44 19.63 -5.99
C THR A 67 2.14 19.59 -7.34
N MET A 68 2.75 20.70 -7.71
N MET A 68 2.76 20.70 -7.72
CA MET A 68 3.52 20.81 -8.95
CA MET A 68 3.52 20.80 -8.96
C MET A 68 5.00 20.80 -8.61
C MET A 68 5.00 20.81 -8.63
N VAL A 69 5.76 19.93 -9.27
CA VAL A 69 7.20 19.82 -9.06
C VAL A 69 7.89 20.18 -10.36
N PRO A 70 8.79 21.17 -10.38
CA PRO A 70 9.51 21.50 -11.61
C PRO A 70 10.68 20.54 -11.81
N PHE A 71 10.63 19.80 -12.92
CA PHE A 71 11.77 19.02 -13.38
C PHE A 71 11.57 18.73 -14.86
N GLY A 72 12.67 18.45 -15.54
CA GLY A 72 12.61 18.35 -16.99
C GLY A 72 12.10 19.59 -17.67
N GLY A 73 12.21 20.74 -17.00
CA GLY A 73 11.75 22.00 -17.56
C GLY A 73 10.25 22.14 -17.64
N GLU A 74 9.50 21.29 -16.94
CA GLU A 74 8.05 21.34 -16.94
C GLU A 74 7.56 21.48 -15.51
N GLN A 75 6.29 21.84 -15.36
CA GLN A 75 5.60 21.79 -14.08
C GLN A 75 4.87 20.46 -14.03
N ASN A 76 5.35 19.54 -13.18
CA ASN A 76 4.87 18.17 -13.21
C ASN A 76 3.89 17.95 -12.07
N PRO A 77 2.66 17.52 -12.35
CA PRO A 77 1.69 17.25 -11.26
C PRO A 77 2.06 16.00 -10.51
N ILE A 78 2.32 16.16 -9.21
CA ILE A 78 2.72 15.06 -8.33
C ILE A 78 1.69 14.94 -7.22
N TYR A 79 1.04 13.78 -7.16
CA TYR A 79 0.10 13.49 -6.07
C TYR A 79 0.90 13.02 -4.85
N TRP A 80 1.24 13.96 -3.98
CA TRP A 80 2.01 13.63 -2.79
C TRP A 80 1.17 12.88 -1.77
N ALA A 81 -0.17 13.00 -1.86
CA ALA A 81 -0.99 12.34 -0.85
C ALA A 81 -0.83 10.82 -0.87
N ARG A 82 -0.43 10.25 -2.00
CA ARG A 82 -0.16 8.81 -2.04
C ARG A 82 0.82 8.39 -0.95
N TYR A 83 1.87 9.20 -0.74
CA TYR A 83 2.91 8.84 0.22
C TYR A 83 2.43 8.98 1.65
N ALA A 84 1.56 9.96 1.92
CA ALA A 84 0.97 10.07 3.25
C ALA A 84 0.11 8.86 3.55
N ASP A 85 -0.63 8.37 2.56
CA ASP A 85 -1.38 7.14 2.67
C ASP A 85 -0.44 5.98 2.96
N TRP A 86 0.38 5.72 1.94
CA TRP A 86 1.33 4.54 2.12
CA TRP A 86 1.42 4.66 2.02
C TRP A 86 2.31 4.52 3.32
N LEU A 87 2.60 5.72 3.86
CA LEU A 87 3.42 5.79 5.07
C LEU A 87 2.77 5.03 6.22
N PHE A 88 1.43 5.10 6.32
CA PHE A 88 0.73 4.40 7.37
C PHE A 88 0.16 3.07 6.92
N THR A 89 -0.33 2.98 5.69
CA THR A 89 -1.05 1.77 5.33
C THR A 89 -0.11 0.62 5.00
N THR A 90 1.08 0.90 4.45
CA THR A 90 1.96 -0.21 4.12
C THR A 90 2.55 -0.89 5.36
N PRO A 91 3.00 -0.17 6.41
CA PRO A 91 3.38 -0.88 7.64
C PRO A 91 2.23 -1.63 8.27
N LEU A 92 1.00 -1.09 8.17
CA LEU A 92 -0.15 -1.79 8.72
C LEU A 92 -0.38 -3.11 8.00
N LEU A 93 -0.25 -3.11 6.66
CA LEU A 93 -0.39 -4.37 5.92
C LEU A 93 0.70 -5.36 6.31
N LEU A 94 1.94 -4.88 6.48
CA LEU A 94 3.00 -5.77 6.95
C LEU A 94 2.72 -6.29 8.36
N LEU A 95 2.10 -5.46 9.21
CA LEU A 95 1.76 -5.90 10.54
C LEU A 95 0.75 -7.03 10.51
N ASP A 96 -0.23 -6.95 9.60
CA ASP A 96 -1.16 -8.06 9.40
C ASP A 96 -0.41 -9.35 9.12
N LEU A 97 0.53 -9.31 8.17
CA LEU A 97 1.31 -10.50 7.85
C LEU A 97 2.13 -10.97 9.04
N ALA A 98 2.79 -10.03 9.72
CA ALA A 98 3.67 -10.38 10.84
C ALA A 98 2.88 -11.00 11.98
N LEU A 99 1.70 -10.45 12.28
CA LEU A 99 0.88 -10.99 13.39
C LEU A 99 0.34 -12.37 13.03
N LEU A 100 0.14 -12.65 11.73
N LEU A 100 0.15 -12.62 11.74
CA LEU A 100 -0.38 -13.96 11.27
CA LEU A 100 -0.37 -13.93 11.26
C LEU A 100 0.61 -15.07 11.63
C LEU A 100 0.61 -15.05 11.61
N VAL A 101 1.91 -14.75 11.47
CA VAL A 101 3.00 -15.76 11.70
C VAL A 101 3.64 -15.58 13.08
N ASP A 102 3.06 -14.75 13.95
CA ASP A 102 3.61 -14.52 15.28
C ASP A 102 5.09 -14.15 15.20
N ALA A 103 5.40 -13.21 14.29
CA ALA A 103 6.80 -12.78 14.06
C ALA A 103 7.41 -12.20 15.34
N ASP A 104 8.73 -12.35 15.45
CA ASP A 104 9.52 -11.77 16.56
C ASP A 104 9.46 -10.24 16.45
N GLN A 105 9.60 -9.56 17.57
CA GLN A 105 9.54 -8.07 17.55
C GLN A 105 10.68 -7.51 16.70
N GLY A 106 11.88 -8.11 16.76
CA GLY A 106 12.99 -7.66 15.91
C GLY A 106 12.62 -7.69 14.44
N THR A 107 11.90 -8.73 14.01
CA THR A 107 11.51 -8.81 12.60
C THR A 107 10.45 -7.78 12.26
N ILE A 108 9.51 -7.53 13.18
CA ILE A 108 8.50 -6.52 12.93
C ILE A 108 9.15 -5.15 12.78
N LEU A 109 10.08 -4.82 13.67
N LEU A 109 10.07 -4.84 13.69
CA LEU A 109 10.75 -3.53 13.57
CA LEU A 109 10.81 -3.57 13.62
C LEU A 109 11.55 -3.42 12.26
C LEU A 109 11.55 -3.43 12.30
N ALA A 110 12.23 -4.50 11.87
CA ALA A 110 12.95 -4.47 10.59
C ALA A 110 12.01 -4.19 9.43
N LEU A 111 10.83 -4.83 9.42
CA LEU A 111 9.87 -4.65 8.34
C LEU A 111 9.32 -3.22 8.33
N VAL A 112 8.87 -2.74 9.49
CA VAL A 112 8.27 -1.43 9.56
C VAL A 112 9.30 -0.35 9.25
N GLY A 113 10.52 -0.52 9.74
CA GLY A 113 11.56 0.46 9.47
C GLY A 113 11.97 0.48 8.01
N ALA A 114 12.15 -0.70 7.41
CA ALA A 114 12.46 -0.74 5.99
C ALA A 114 11.33 -0.15 5.17
N ASP A 115 10.08 -0.41 5.60
N ASP A 115 10.08 -0.39 5.61
CA ASP A 115 8.93 0.16 4.93
CA ASP A 115 8.94 0.16 4.90
C ASP A 115 8.96 1.68 4.98
C ASP A 115 8.89 1.68 5.00
N GLY A 116 9.22 2.24 6.17
CA GLY A 116 9.31 3.69 6.29
C GLY A 116 10.38 4.26 5.39
N ILE A 117 11.52 3.57 5.29
CA ILE A 117 12.56 4.01 4.36
C ILE A 117 12.06 3.95 2.92
N MET A 118 11.35 2.87 2.57
CA MET A 118 10.81 2.72 1.22
C MET A 118 9.87 3.89 0.87
N ILE A 119 8.95 4.22 1.76
CA ILE A 119 8.00 5.29 1.44
C ILE A 119 8.66 6.65 1.52
N GLY A 120 9.51 6.88 2.53
CA GLY A 120 10.15 8.17 2.67
C GLY A 120 11.06 8.50 1.50
N THR A 121 11.84 7.50 1.05
CA THR A 121 12.69 7.75 -0.11
C THR A 121 11.89 7.85 -1.40
N GLY A 122 10.75 7.15 -1.49
CA GLY A 122 9.87 7.35 -2.62
C GLY A 122 9.31 8.77 -2.67
N LEU A 123 8.97 9.31 -1.49
CA LEU A 123 8.46 10.69 -1.41
C LEU A 123 9.55 11.68 -1.79
N VAL A 124 10.78 11.48 -1.32
CA VAL A 124 11.87 12.37 -1.69
C VAL A 124 12.10 12.31 -3.18
N GLY A 125 12.07 11.10 -3.76
CA GLY A 125 12.20 10.97 -5.20
C GLY A 125 11.10 11.68 -5.94
N ALA A 126 9.87 11.59 -5.42
CA ALA A 126 8.72 12.21 -6.07
C ALA A 126 8.80 13.73 -6.08
N LEU A 127 9.47 14.31 -5.09
CA LEU A 127 9.55 15.75 -4.94
C LEU A 127 10.89 16.33 -5.39
N THR A 128 11.81 15.51 -5.90
CA THR A 128 13.16 15.98 -6.23
C THR A 128 13.14 16.73 -7.57
N LYS A 129 13.78 17.91 -7.60
N LYS A 129 13.78 17.91 -7.60
CA LYS A 129 13.75 18.76 -8.78
CA LYS A 129 13.75 18.76 -8.78
C LYS A 129 14.84 18.44 -9.80
C LYS A 129 14.84 18.43 -9.80
N VAL A 130 15.89 17.71 -9.41
CA VAL A 130 16.95 17.31 -10.33
C VAL A 130 16.54 15.95 -10.90
N TYR A 131 16.25 15.92 -12.21
CA TYR A 131 15.60 14.75 -12.82
C TYR A 131 16.37 13.46 -12.56
N SER A 132 17.68 13.45 -12.84
N SER A 132 17.68 13.45 -12.84
CA SER A 132 18.46 12.22 -12.70
CA SER A 132 18.45 12.22 -12.70
C SER A 132 18.45 11.70 -11.27
C SER A 132 18.44 11.71 -11.26
N TYR A 133 18.40 12.61 -10.28
CA TYR A 133 18.42 12.18 -8.88
C TYR A 133 17.13 11.49 -8.47
N ARG A 134 16.02 11.77 -9.16
CA ARG A 134 14.77 11.10 -8.82
C ARG A 134 14.94 9.58 -8.89
N PHE A 135 15.75 9.11 -9.84
CA PHE A 135 15.93 7.66 -10.00
C PHE A 135 16.92 7.07 -9.01
N VAL A 136 17.80 7.90 -8.43
CA VAL A 136 18.61 7.43 -7.30
C VAL A 136 17.70 7.08 -6.13
N TRP A 137 16.76 7.98 -5.81
CA TRP A 137 15.82 7.71 -4.73
C TRP A 137 14.94 6.50 -5.04
N TRP A 138 14.51 6.38 -6.31
CA TRP A 138 13.74 5.20 -6.73
C TRP A 138 14.53 3.92 -6.47
N ALA A 139 15.83 3.93 -6.75
CA ALA A 139 16.64 2.73 -6.56
C ALA A 139 16.77 2.37 -5.09
N ILE A 140 16.98 3.37 -4.23
CA ILE A 140 17.09 3.10 -2.80
C ILE A 140 15.77 2.57 -2.27
N SER A 141 14.65 3.18 -2.69
CA SER A 141 13.34 2.72 -2.24
C SER A 141 13.09 1.29 -2.70
N THR A 142 13.49 0.96 -3.93
CA THR A 142 13.32 -0.39 -4.45
C THR A 142 14.18 -1.38 -3.68
N ALA A 143 15.40 -0.96 -3.28
CA ALA A 143 16.22 -1.83 -2.43
C ALA A 143 15.52 -2.12 -1.11
N ALA A 144 14.87 -1.11 -0.52
CA ALA A 144 14.14 -1.35 0.72
C ALA A 144 12.98 -2.30 0.49
N MET A 145 12.27 -2.14 -0.64
CA MET A 145 11.18 -3.06 -0.96
C MET A 145 11.69 -4.49 -1.12
N LEU A 146 12.84 -4.65 -1.81
CA LEU A 146 13.40 -5.98 -1.99
C LEU A 146 13.79 -6.60 -0.67
N TYR A 147 14.29 -5.78 0.27
CA TYR A 147 14.59 -6.27 1.60
C TYR A 147 13.32 -6.79 2.29
N ILE A 148 12.24 -6.00 2.23
CA ILE A 148 10.95 -6.43 2.78
C ILE A 148 10.53 -7.78 2.19
N LEU A 149 10.57 -7.89 0.86
CA LEU A 149 10.13 -9.12 0.22
C LEU A 149 11.02 -10.29 0.63
N TYR A 150 12.33 -10.05 0.75
CA TYR A 150 13.25 -11.07 1.26
C TYR A 150 12.83 -11.56 2.64
N VAL A 151 12.52 -10.63 3.55
CA VAL A 151 12.11 -11.03 4.90
C VAL A 151 10.82 -11.83 4.85
N LEU A 152 9.90 -11.43 3.97
CA LEU A 152 8.61 -12.17 3.91
C LEU A 152 8.85 -13.61 3.46
N PHE A 153 9.87 -13.86 2.63
CA PHE A 153 10.12 -15.23 2.14
C PHE A 153 11.22 -15.96 2.92
N PHE A 154 12.11 -15.25 3.62
CA PHE A 154 13.24 -15.96 4.28
C PHE A 154 13.43 -15.58 5.75
N GLY A 155 12.57 -14.73 6.33
CA GLY A 155 12.70 -14.33 7.70
C GLY A 155 11.76 -15.00 8.68
N PHE A 156 10.90 -15.91 8.21
CA PHE A 156 9.87 -16.54 9.05
C PHE A 156 10.07 -18.05 9.18
N THR A 157 11.28 -18.55 8.87
CA THR A 157 11.50 -19.99 8.86
C THR A 157 11.42 -20.61 10.26
N SER A 158 11.77 -19.82 11.30
CA SER A 158 11.70 -20.33 12.67
C SER A 158 10.26 -20.50 13.15
N LYS A 159 9.29 -19.91 12.45
CA LYS A 159 7.89 -19.99 12.83
C LYS A 159 7.13 -21.08 12.08
N ALA A 160 7.73 -21.66 11.03
CA ALA A 160 6.99 -22.59 10.18
C ALA A 160 6.60 -23.87 10.90
N GLU A 161 7.42 -24.32 11.85
CA GLU A 161 7.20 -25.62 12.48
C GLU A 161 6.00 -25.59 13.42
N SER A 162 5.82 -24.50 14.16
CA SER A 162 4.73 -24.39 15.13
C SER A 162 3.52 -23.67 14.58
N MET A 163 3.50 -23.38 13.28
CA MET A 163 2.43 -22.60 12.68
C MET A 163 1.22 -23.48 12.42
N ARG A 164 0.04 -23.00 12.82
CA ARG A 164 -1.20 -23.70 12.50
C ARG A 164 -1.37 -23.79 10.99
N PRO A 165 -1.93 -24.89 10.48
CA PRO A 165 -2.08 -25.04 9.03
C PRO A 165 -2.89 -23.92 8.37
N GLU A 166 -3.99 -23.48 8.98
CA GLU A 166 -4.76 -22.39 8.39
C GLU A 166 -3.97 -21.09 8.41
N VAL A 167 -3.14 -20.90 9.42
CA VAL A 167 -2.28 -19.72 9.44
C VAL A 167 -1.27 -19.80 8.30
N ALA A 168 -0.63 -20.95 8.13
CA ALA A 168 0.34 -21.10 7.05
C ALA A 168 -0.32 -20.90 5.69
N SER A 169 -1.52 -21.45 5.51
CA SER A 169 -2.21 -21.34 4.22
C SER A 169 -2.59 -19.90 3.91
N THR A 170 -3.19 -19.21 4.88
CA THR A 170 -3.61 -17.83 4.67
C THR A 170 -2.40 -16.92 4.49
N PHE A 171 -1.34 -17.15 5.28
CA PHE A 171 -0.14 -16.35 5.13
C PHE A 171 0.47 -16.53 3.74
N LYS A 172 0.59 -17.80 3.26
CA LYS A 172 1.17 -18.09 1.92
C LYS A 172 0.40 -17.34 0.82
N VAL A 173 -0.93 -17.35 0.88
CA VAL A 173 -1.73 -16.62 -0.10
C VAL A 173 -1.48 -15.13 -0.02
N LEU A 174 -1.51 -14.59 1.20
CA LEU A 174 -1.32 -13.12 1.34
C LEU A 174 0.10 -12.71 0.93
N ARG A 175 1.10 -13.53 1.23
CA ARG A 175 2.49 -13.21 0.84
C ARG A 175 2.60 -13.17 -0.69
N ASN A 176 1.93 -14.11 -1.37
CA ASN A 176 1.94 -14.15 -2.86
C ASN A 176 1.23 -12.91 -3.39
N VAL A 177 0.08 -12.54 -2.82
CA VAL A 177 -0.62 -11.34 -3.25
C VAL A 177 0.25 -10.12 -3.03
N THR A 178 0.93 -10.06 -1.89
CA THR A 178 1.77 -8.91 -1.55
C THR A 178 2.94 -8.78 -2.53
N VAL A 179 3.64 -9.88 -2.81
CA VAL A 179 4.80 -9.78 -3.68
C VAL A 179 4.39 -9.33 -5.07
N VAL A 180 3.32 -9.89 -5.59
CA VAL A 180 2.90 -9.55 -6.94
C VAL A 180 2.45 -8.10 -7.03
N LEU A 181 1.57 -7.70 -6.11
CA LEU A 181 1.02 -6.32 -6.16
C LEU A 181 2.06 -5.28 -5.70
N TRP A 182 2.82 -5.52 -4.64
CA TRP A 182 3.78 -4.47 -4.22
CA TRP A 182 3.81 -4.59 -4.14
C TRP A 182 4.91 -4.27 -5.29
N SER A 183 5.30 -5.34 -5.99
N SER A 183 5.32 -5.35 -5.97
CA SER A 183 6.38 -5.27 -7.01
CA SER A 183 6.40 -5.24 -6.99
C SER A 183 5.98 -4.32 -8.15
C SER A 183 6.00 -4.31 -8.14
N ALA A 184 4.69 -4.33 -8.48
CA ALA A 184 4.14 -3.52 -9.60
C ALA A 184 4.30 -2.04 -9.31
N TYR A 185 4.38 -1.61 -8.04
CA TYR A 185 4.50 -0.15 -7.74
CA TYR A 185 4.58 -0.17 -7.63
C TYR A 185 5.69 0.77 -8.22
N PRO A 186 6.89 0.16 -8.07
CA PRO A 186 8.12 0.75 -8.58
C PRO A 186 8.06 0.78 -10.12
N VAL A 187 7.42 -0.23 -10.73
CA VAL A 187 7.34 -0.19 -12.19
C VAL A 187 6.44 0.94 -12.65
N VAL A 188 5.26 1.07 -12.03
CA VAL A 188 4.33 2.13 -12.38
C VAL A 188 4.97 3.50 -12.17
N TRP A 189 5.63 3.69 -11.02
CA TRP A 189 6.31 4.94 -10.74
C TRP A 189 7.37 5.24 -11.79
N LEU A 190 8.17 4.22 -12.14
CA LEU A 190 9.28 4.41 -13.06
C LEU A 190 8.80 4.84 -14.44
N ILE A 191 7.70 4.26 -14.92
CA ILE A 191 7.20 4.56 -16.26
C ILE A 191 6.23 5.74 -16.29
N GLY A 192 5.70 6.15 -15.15
CA GLY A 192 4.66 7.17 -15.08
C GLY A 192 5.21 8.57 -14.92
N SER A 193 4.31 9.49 -14.54
N SER A 193 4.29 9.47 -14.52
N SER A 193 4.31 9.47 -14.53
CA SER A 193 4.62 10.94 -14.42
CA SER A 193 4.61 10.90 -14.45
CA SER A 193 4.63 10.89 -14.44
C SER A 193 5.77 11.23 -13.44
C SER A 193 5.74 11.20 -13.47
C SER A 193 5.70 11.17 -13.39
N GLU A 194 5.92 10.43 -12.38
N GLU A 194 5.92 10.35 -12.46
CA GLU A 194 7.01 10.64 -11.39
CA GLU A 194 6.93 10.62 -11.45
C GLU A 194 8.38 10.36 -12.02
C GLU A 194 8.32 10.15 -11.87
N GLY A 195 8.42 9.33 -12.87
CA GLY A 195 9.68 8.85 -13.44
C GLY A 195 9.93 9.25 -14.87
N ALA A 196 9.94 8.27 -15.77
CA ALA A 196 10.31 8.53 -17.15
C ALA A 196 9.22 9.22 -17.96
N GLY A 197 7.98 9.23 -17.47
CA GLY A 197 6.92 9.92 -18.17
C GLY A 197 6.51 9.30 -19.50
N ILE A 198 6.61 7.98 -19.62
CA ILE A 198 6.16 7.32 -20.85
C ILE A 198 4.70 6.88 -20.80
N VAL A 199 4.12 6.79 -19.61
CA VAL A 199 2.70 6.52 -19.41
C VAL A 199 2.07 7.79 -18.84
N PRO A 200 0.99 8.29 -19.41
N PRO A 200 0.99 8.29 -19.41
CA PRO A 200 0.42 9.56 -18.92
CA PRO A 200 0.40 9.54 -18.93
C PRO A 200 -0.19 9.42 -17.53
C PRO A 200 -0.14 9.42 -17.52
N LEU A 201 -0.32 10.57 -16.87
CA LEU A 201 -0.78 10.59 -15.48
C LEU A 201 -2.15 9.93 -15.31
N ASN A 202 -3.03 10.07 -16.30
N ASN A 202 -3.03 10.11 -16.30
CA ASN A 202 -4.35 9.46 -16.15
CA ASN A 202 -4.35 9.48 -16.27
C ASN A 202 -4.28 7.93 -16.14
C ASN A 202 -4.23 7.97 -16.12
N ILE A 203 -3.35 7.36 -16.89
CA ILE A 203 -3.22 5.87 -16.90
C ILE A 203 -2.46 5.42 -15.66
N GLU A 204 -1.50 6.25 -15.22
N GLU A 204 -1.47 6.22 -15.27
CA GLU A 204 -0.73 5.94 -13.99
CA GLU A 204 -0.77 5.93 -14.02
C GLU A 204 -1.70 5.94 -12.80
C GLU A 204 -1.75 5.92 -12.85
N THR A 205 -2.64 6.89 -12.78
CA THR A 205 -3.64 6.98 -11.69
C THR A 205 -4.55 5.75 -11.72
N LEU A 206 -4.98 5.34 -12.90
CA LEU A 206 -5.78 4.13 -13.03
C LEU A 206 -5.01 2.93 -12.49
N LEU A 207 -3.74 2.78 -12.88
CA LEU A 207 -2.93 1.64 -12.44
C LEU A 207 -2.79 1.61 -10.92
N PHE A 208 -2.46 2.76 -10.31
CA PHE A 208 -2.35 2.79 -8.86
C PHE A 208 -3.68 2.53 -8.17
N MET A 209 -4.79 3.00 -8.76
N MET A 209 -4.79 2.97 -8.77
CA MET A 209 -6.11 2.70 -8.21
CA MET A 209 -6.09 2.71 -8.18
C MET A 209 -6.36 1.21 -8.15
C MET A 209 -6.40 1.22 -8.16
N VAL A 210 -6.13 0.51 -9.27
CA VAL A 210 -6.35 -0.94 -9.31
C VAL A 210 -5.44 -1.63 -8.30
N LEU A 211 -4.16 -1.25 -8.28
CA LEU A 211 -3.23 -1.84 -7.31
C LEU A 211 -3.68 -1.58 -5.88
N ASP A 212 -3.93 -0.29 -5.64
CA ASP A 212 -4.37 0.05 -4.19
CA ASP A 212 -4.42 0.12 -4.29
C ASP A 212 -5.66 -0.63 -3.67
N VAL A 213 -6.67 -0.72 -4.54
CA VAL A 213 -7.88 -1.39 -4.11
C VAL A 213 -7.61 -2.88 -3.92
N SER A 214 -6.82 -3.47 -4.83
CA SER A 214 -6.47 -4.88 -4.71
C SER A 214 -5.63 -5.16 -3.46
N ALA A 215 -4.66 -4.29 -3.18
CA ALA A 215 -3.71 -4.50 -2.08
C ALA A 215 -4.31 -4.21 -0.71
N LYR A 216 -5.45 -3.51 -0.70
N LYR A 216 -5.41 -3.45 -0.69
CA LYR A 216 -6.08 -3.11 0.54
CA LYR A 216 -6.06 -3.06 0.59
C LYR A 216 -7.41 -3.82 0.76
C LYR A 216 -7.40 -3.79 0.76
O LYR A 216 -7.61 -4.58 1.70
O LYR A 216 -7.53 -4.54 1.74
CB LYR A 216 -6.25 -1.59 0.63
CB LYR A 216 -6.22 -1.53 0.68
CG LYR A 216 -4.92 -0.89 0.63
CG LYR A 216 -4.91 -0.77 0.76
CD LYR A 216 -5.08 0.60 0.81
CD LYR A 216 -5.04 0.73 0.56
CE LYR A 216 -3.76 1.26 1.17
CE LYR A 216 -3.65 1.30 0.41
NZ LYR A 216 -2.90 1.36 0.03
NZ LYR A 216 -2.86 0.39 -0.44
C1 LYR A 216 -1.88 0.34 0.02
C1 LYR A 216 -1.41 0.56 -0.46
C2 LYR A 216 -0.86 0.60 -1.03
C2 LYR A 216 -0.80 -0.71 -1.00
C3 LYR A 216 0.25 -0.14 -1.13
C3 LYR A 216 0.49 -0.95 -1.34
C4 LYR A 216 0.35 -1.58 -0.78
C4 LYR A 216 0.99 -2.31 -1.57
C5 LYR A 216 1.38 0.49 -1.74
C5 LYR A 216 1.43 0.10 -1.52
C6 LYR A 216 2.59 -0.04 -1.96
C6 LYR A 216 2.76 -0.04 -1.89
C7 LYR A 216 3.67 0.78 -2.40
C7 LYR A 216 3.69 0.91 -2.28
C80 LYR A 216 4.92 0.42 -2.71
C80 LYR A 216 5.02 0.67 -2.69
C8 LYR A 216 5.41 -0.98 -2.58
C8 LYR A 216 5.52 -0.72 -2.57
C9 LYR A 216 5.78 1.47 -3.24
C9 LYR A 216 5.84 1.67 -3.23
C10 LYR A 216 7.03 1.31 -3.70
C10 LYR A 216 7.12 1.47 -3.63
C11 LYR A 216 7.92 2.25 -4.42
C11 LYR A 216 7.95 2.37 -4.39
C12 LYR A 216 9.17 1.85 -4.76
C12 LYR A 216 9.19 2.00 -4.76
C13 LYR A 216 9.77 0.52 -4.44
C13 LYR A 216 9.76 0.62 -4.51
C14 LYR A 216 10.15 2.71 -5.50
C14 LYR A 216 10.15 2.91 -5.46
C15 LYR A 216 9.85 4.19 -5.49
C15 LYR A 216 9.73 4.37 -5.45
C16 LYR A 216 8.38 4.46 -5.65
C16 LYR A 216 8.28 4.47 -5.76
C17 LYR A 216 7.40 3.65 -4.79
C17 LYR A 216 7.39 3.74 -4.75
C18 LYR A 216 7.19 4.46 -3.51
C18 LYR A 216 7.28 4.61 -3.49
C19 LYR A 216 6.07 3.66 -5.55
C19 LYR A 216 6.00 3.59 -5.36
HA LYR A 216 -5.41 -3.43 1.39
HA LYR A 216 -5.40 -3.39 1.44
HB2 LYR A 216 -6.80 -1.38 1.58
HB2 LYR A 216 -6.85 -1.32 1.58
HB3 LYR A 216 -6.87 -1.24 -0.24
HB3 LYR A 216 -6.80 -1.19 -0.22
HG2 LYR A 216 -4.41 -1.09 -0.35
HG2 LYR A 216 -4.39 -1.25 -0.09
HG3 LYR A 216 -4.26 -1.30 1.44
HG3 LYR A 216 -4.33 -1.01 1.70
HD2 LYR A 216 -5.81 0.80 1.64
HD2 LYR A 216 -5.53 1.19 1.45
HD3 LYR A 216 -5.51 1.06 -0.12
HD3 LYR A 216 -5.66 0.95 -0.34
HE2 LYR A 216 -3.30 0.67 2.01
HE2 LYR A 216 -3.20 1.39 1.45
HE3 LYR A 216 -3.95 2.30 1.54
HE3 LYR A 216 -3.67 2.33 -0.02
HZ LYR A 216 -2.49 2.27 -0.04
HZ LYR A 216 -2.93 -0.54 -0.15
H1 LYR A 216 -2.37 -0.65 -0.17
H1 LYR A 216 -1.07 0.75 0.60
H11 LYR A 216 -1.33 0.25 1.01
H11 LYR A 216 -1.07 1.43 -1.10
HC2 LYR A 216 -1.08 1.40 -1.75
HC2 LYR A 216 -1.46 -1.59 -0.95
H41 LYR A 216 1.39 -1.83 -0.44
H41 LYR A 216 1.96 -2.46 -1.05
H42 LYR A 216 0.09 -2.24 -1.64
H42 LYR A 216 1.13 -2.53 -2.65
H43 LYR A 216 -0.35 -1.82 0.06
H43 LYR A 216 0.26 -3.06 -1.16
H5 LYR A 216 1.18 1.50 -2.11
H5 LYR A 216 1.12 1.05 -1.07
H6 LYR A 216 2.64 -1.10 -2.28
H6 LYR A 216 3.25 -0.94 -1.49
H7 LYR A 216 3.38 1.85 -2.54
H7 LYR A 216 3.32 1.95 -2.25
H81 LYR A 216 6.47 -1.02 -2.21
H81 LYR A 216 6.52 -0.89 -3.05
H82 LYR A 216 5.38 -1.49 -3.58
H82 LYR A 216 4.81 -1.42 -3.06
H83 LYR A 216 4.77 -1.55 -1.87
H83 LYR A 216 5.60 -0.99 -1.50
H9 LYR A 216 5.43 2.48 -2.97
H9 LYR A 216 5.59 2.65 -2.82
H10 LYR A 216 7.60 0.49 -3.25
H10 LYR A 216 7.74 0.81 -2.99
H131 LYR A 216 10.67 0.33 -5.06
H131 LYR A 216 10.64 0.44 -5.18
H132 LYR A 216 9.05 -0.32 -4.63
H132 LYR A 216 9.01 -0.19 -4.72
H133 LYR A 216 10.07 0.49 -3.36
H133 LYR A 216 10.10 0.52 -3.46
H141 LYR A 216 10.16 2.36 -6.58
H141 LYR A 216 10.22 2.57 -6.53
H142 LYR A 216 11.18 2.54 -5.10
H142 LYR A 216 11.18 2.79 -5.03
H151 LYR A 216 10.43 4.69 -6.32
H151 LYR A 216 10.31 4.94 -6.22
H152 LYR A 216 10.22 4.62 -4.52
H152 LYR A 216 9.94 4.83 -4.45
H161 LYR A 216 8.13 4.25 -6.72
H161 LYR A 216 8.09 4.05 -6.79
H162 LYR A 216 8.19 5.55 -5.48
H162 LYR A 216 7.99 5.55 -5.78
H181 LYR A 216 6.26 5.08 -3.61
H181 LYR A 216 7.64 5.64 -3.70
H182 LYR A 216 8.05 5.15 -3.35
H182 LYR A 216 7.91 4.18 -2.66
H183 LYR A 216 7.11 3.81 -2.62
H183 LYR A 216 6.23 4.68 -3.13
H191 LYR A 216 5.95 4.63 -6.08
H191 LYR A 216 5.84 4.39 -6.13
H192 LYR A 216 5.21 3.52 -4.86
H192 LYR A 216 5.17 3.68 -4.62
H193 LYR A 216 6.05 2.83 -6.31
H193 LYR A 216 5.91 2.61 -5.88
N VAL A 217 -8.34 -3.59 -0.17
CA VAL A 217 -9.65 -4.23 -0.05
C VAL A 217 -9.59 -5.70 -0.43
N GLY A 218 -8.91 -6.03 -1.54
CA GLY A 218 -8.76 -7.43 -1.91
C GLY A 218 -8.03 -8.23 -0.86
N PHE A 219 -6.87 -7.73 -0.42
CA PHE A 219 -6.10 -8.35 0.64
C PHE A 219 -6.96 -8.52 1.89
N GLY A 220 -7.68 -7.48 2.26
CA GLY A 220 -8.50 -7.54 3.46
C GLY A 220 -9.61 -8.57 3.37
N LEU A 221 -10.24 -8.68 2.20
CA LEU A 221 -11.30 -9.67 2.04
C LEU A 221 -10.75 -11.07 2.24
N ILE A 222 -9.56 -11.35 1.68
CA ILE A 222 -8.94 -12.66 1.84
C ILE A 222 -8.63 -12.91 3.31
N LEU A 223 -8.07 -11.91 3.99
CA LEU A 223 -7.65 -12.11 5.38
C LEU A 223 -8.85 -12.26 6.30
N LEU A 224 -9.83 -11.38 6.18
CA LEU A 224 -10.93 -11.33 7.14
C LEU A 224 -11.96 -12.43 6.93
N ARG A 225 -11.86 -13.18 5.84
CA ARG A 225 -12.70 -14.36 5.65
C ARG A 225 -12.04 -15.63 6.15
N SER A 226 -10.76 -15.55 6.54
CA SER A 226 -9.99 -16.75 6.97
C SER A 226 -10.14 -17.03 8.46
N ARG A 227 -10.02 -18.31 8.84
CA ARG A 227 -10.07 -18.82 10.23
C ARG A 227 -8.78 -18.46 10.98
N ALA A 228 -7.70 -18.19 10.24
CA ALA A 228 -6.38 -17.86 10.80
C ALA A 228 -6.42 -16.62 11.72
N ILE A 229 -7.41 -15.73 11.57
CA ILE A 229 -7.39 -14.53 12.40
C ILE A 229 -7.89 -14.78 13.81
N PHE A 230 -8.50 -15.93 14.07
CA PHE A 230 -9.01 -16.24 15.39
C PHE A 230 -8.00 -17.10 16.15
N GLY A 231 -7.83 -16.80 17.43
CA GLY A 231 -7.06 -17.69 18.27
C GLY A 231 -7.70 -19.06 18.31
N GLU A 232 -6.86 -20.09 18.43
CA GLU A 232 -7.37 -21.44 18.54
C GLU A 232 -8.17 -21.59 19.83
N ALA A 233 -9.50 -21.69 19.70
CA ALA A 233 -10.38 -21.75 20.85
C ALA A 233 -11.44 -22.81 20.60
N GLU A 234 -11.90 -23.43 21.70
CA GLU A 234 -12.94 -24.48 21.63
C GLU A 234 -14.31 -23.82 21.53
C14 LFA B . -17.54 17.02 -3.81
C15 LFA B . -17.37 15.54 -3.57
C16 LFA B . -17.24 15.15 -2.12
C17 LFA B . -17.26 13.66 -1.90
C18 LFA B . -17.41 13.24 -0.48
C19 LFA B . -17.26 11.75 -0.30
C20 LFA B . -17.70 11.22 1.04
C1 LFA C . 10.67 -13.35 -4.07
C2 LFA C . 12.07 -13.09 -3.57
C3 LFA C . 12.31 -11.68 -3.17
C4 LFA C . 13.71 -11.39 -2.69
C5 LFA C . 14.42 -10.32 -3.48
C6 LFA C . 15.93 -10.43 -3.45
H11 LFA C . 10.55 -14.29 -4.24
H12 LFA C . 10.03 -13.05 -3.40
H13 LFA C . 10.52 -12.85 -4.90
H21 LFA C . 12.69 -13.33 -4.27
H22 LFA C . 12.23 -13.67 -2.80
H31 LFA C . 12.12 -11.11 -3.93
H32 LFA C . 11.69 -11.45 -2.46
H41 LFA C . 14.23 -12.20 -2.72
H42 LFA C . 13.66 -11.10 -1.76
H51 LFA C . 14.17 -9.45 -3.12
H52 LFA C . 14.13 -10.37 -4.41
H61 LFA C . 16.22 -10.50 -2.54
H62 LFA C . 16.19 -11.23 -3.95
C18 OLC D . 25.02 1.80 -0.16
C10 OLC D . 17.80 0.35 1.90
C9 OLC D . 17.28 -0.73 2.47
C17 OLC D . 23.67 1.82 0.55
C11 OLC D . 17.76 1.63 2.65
C8 OLC D . 16.68 -0.57 3.83
C24 OLC D . 15.69 -8.63 12.57
C16 OLC D . 23.77 1.11 1.88
C12 OLC D . 19.05 2.39 2.46
C7 OLC D . 17.33 -1.54 4.79
C15 OLC D . 22.67 1.55 2.82
C13 OLC D . 20.20 1.68 3.16
C6 OLC D . 16.52 -1.59 6.07
C14 OLC D . 21.32 1.41 2.17
C5 OLC D . 17.43 -1.97 7.22
C4 OLC D . 16.66 -2.71 8.29
C3 OLC D . 17.49 -3.90 8.71
C2 OLC D . 17.03 -4.35 10.08
C21 OLC D . 17.70 -7.91 11.27
C1 OLC D . 17.72 -5.63 10.40
C22 OLC D . 17.22 -8.52 12.56
O19 OLC D . 18.86 -5.79 10.13
O25 OLC D . 15.19 -9.41 11.49
O23 OLC D . 17.83 -9.80 12.70
O20 OLC D . 17.02 -6.69 11.06
H18 OLC D . 25.05 2.52 -0.80
H18A OLC D . 25.13 0.95 -0.62
H18B OLC D . 25.73 1.90 0.50
H10 OLC D . 18.18 0.29 1.05
H9 OLC D . 17.28 -1.55 2.04
H17 OLC D . 23.02 1.36 -0.01
H17A OLC D . 23.40 2.73 0.69
H11 OLC D . 17.72 1.56 3.60
H11A OLC D . 17.03 2.17 2.33
H8 OLC D . 15.76 -0.85 3.76
H8A OLC D . 16.66 0.30 4.25
H24 OLC D . 15.32 -7.73 12.51
H24A OLC D . 15.42 -9.03 13.41
H16 OLC D . 24.63 1.30 2.29
H16A OLC D . 23.69 0.15 1.74
H12 OLC D . 18.95 3.28 2.84
H12A OLC D . 19.24 2.46 1.52
H7 OLC D . 17.35 -2.42 4.39
H7A OLC D . 18.23 -1.25 4.98
H15 OLC D . 22.81 2.49 3.06
H15A OLC D . 22.69 1.01 3.62
H13 OLC D . 19.89 0.84 3.53
H13A OLC D . 20.53 2.23 3.88
H6 OLC D . 15.82 -2.24 5.98
H6A OLC D . 16.14 -0.72 6.25
H14 OLC D . 21.25 2.04 1.44
H14A OLC D . 21.22 0.51 1.83
H5 OLC D . 18.15 -2.53 6.88
H5A OLC D . 17.82 -1.17 7.59
H4 OLC D . 15.81 -3.00 7.95
H4A OLC D . 16.53 -2.12 9.05
H3 OLC D . 17.36 -4.62 8.08
H3A OLC D . 18.42 -3.66 8.74
H2 OLC D . 17.26 -3.67 10.74
H2A OLC D . 16.07 -4.48 10.07
H21 OLC D . 18.65 -7.75 11.32
H21A OLC D . 17.51 -8.51 10.53
H22 OLC D . 17.50 -7.96 13.30
HO25 OLC D . 14.36 -9.58 11.63
HO23 OLC D . 18.32 -9.82 13.39
C1 LFA E . 1.09 6.05 -24.29
C2 LFA E . 0.08 5.15 -23.67
C3 LFA E . 0.65 3.91 -23.01
C4 LFA E . -0.40 2.90 -22.68
C5 LFA E . 0.12 1.61 -22.12
C6 LFA E . -0.03 1.49 -20.62
C7 LFA E . 0.07 0.07 -20.11
C8 LFA E . 0.82 -0.06 -18.80
H11 LFA E . 1.56 5.59 -25.00
H12 LFA E . 1.74 6.33 -23.61
H13 LFA E . 0.65 6.84 -24.65
H21 LFA E . -0.53 4.85 -24.37
H22 LFA E . -0.43 5.64 -23.01
H31 LFA E . 1.11 4.18 -22.20
H32 LFA E . 1.29 3.51 -23.62
H41 LFA E . -1.02 3.30 -22.03
H42 LFA E . -0.91 2.70 -23.48
H51 LFA E . -0.36 0.88 -22.53
H52 LFA E . 1.05 1.54 -22.34
H61 LFA E . -0.89 1.85 -20.37
H62 LFA E . 0.66 2.03 -20.20
H71 LFA E . 0.52 -0.47 -20.78
H72 LFA E . -0.83 -0.27 -19.99
H81 LFA E . 1.77 -0.07 -18.99
H82 LFA E . 0.61 0.69 -18.23
C1 LFA F . 17.42 -14.23 -3.55
C2 LFA F . 18.16 -14.62 -2.29
C3 LFA F . 17.87 -16.02 -1.84
C4 LFA F . 18.65 -16.47 -0.64
C5 LFA F . 18.30 -17.86 -0.18
C6 LFA F . 18.96 -18.27 1.11
H11 LFA F . 16.46 -14.30 -3.39
H12 LFA F . 17.65 -13.33 -3.79
H13 LFA F . 17.66 -14.84 -4.27
H21 LFA F . 17.91 -14.00 -1.59
H22 LFA F . 19.11 -14.54 -2.47
H31 LFA F . 16.92 -16.08 -1.64
H32 LFA F . 18.07 -16.63 -2.57
H41 LFA F . 18.47 -15.85 0.09
H42 LFA F . 19.59 -16.43 -0.85
H51 LFA F . 17.35 -17.92 -0.07
H52 LFA F . 18.58 -18.47 -0.87
H61 LFA F . 18.51 -17.84 1.86
H62 LFA F . 19.89 -17.99 1.11
C2 LFA G . -0.77 -20.28 -2.42
C3 LFA G . -0.54 -18.94 -3.07
C4 LFA G . -1.73 -18.36 -3.76
C5 LFA G . -1.41 -17.56 -5.00
C6 LFA G . -1.70 -16.09 -4.90
C7 LFA G . -2.22 -15.47 -6.16
C8 LFA G . -1.47 -14.24 -6.63
C9 LFA G . -2.29 -13.31 -7.48
C10 LFA G . -2.20 -11.87 -7.08
C11 LFA G . -3.05 -10.93 -7.89
H21 LFA G . -1.61 -20.26 -1.94
H22 LFA G . -0.82 -20.96 -3.11
H31 LFA G . -0.24 -18.32 -2.38
H32 LFA G . 0.16 -19.07 -3.73
H41 LFA G . -2.20 -17.78 -3.13
H42 LFA G . -2.33 -19.08 -4.01
H51 LFA G . -1.92 -17.92 -5.73
H52 LFA G . -0.47 -17.67 -5.21
H61 LFA G . -2.35 -15.94 -4.19
H62 LFA G . -0.88 -15.62 -4.66
H71 LFA G . -2.19 -16.12 -6.87
H72 LFA G . -3.15 -15.22 -6.02
H81 LFA G . -0.72 -14.51 -7.13
H82 LFA G . -1.17 -13.75 -5.84
H91 LFA G . -3.22 -13.58 -7.45
H92 LFA G . -1.97 -13.40 -8.40
H101 LFA G . -2.45 -11.79 -6.15
H102 LFA G . -1.28 -11.58 -7.17
C1 LFA H . -17.55 12.06 -6.84
C2 LFA H . -17.59 10.68 -6.20
C3 LFA H . -17.17 10.78 -4.75
C4 LFA H . -16.70 9.41 -4.26
C5 LFA H . -17.84 8.68 -3.57
C6 LFA H . -17.77 8.95 -2.08
C7 LFA H . -17.47 7.65 -1.32
C8 LFA H . -18.75 6.83 -1.17
C9 LFA H . -18.48 5.64 -0.25
C10 LFA H . -19.81 5.13 0.29
H11 LFA H . -18.15 12.65 -6.36
H12 LFA H . -17.84 12.00 -7.77
H13 LFA H . -16.65 12.41 -6.80
H21 LFA H . -16.99 10.09 -6.68
H22 LFA H . -18.50 10.32 -6.25
H31 LFA H . -17.91 11.08 -4.21
H32 LFA H . -16.44 11.41 -4.67
H41 LFA H . -15.95 9.53 -3.65
H42 LFA H . -16.39 8.89 -5.02
H51 LFA H . -18.69 8.99 -3.92
H52 LFA H . -17.76 7.73 -3.73
H61 LFA H . -17.08 9.59 -1.88
H62 LFA H . -18.63 9.29 -1.78
H71 LFA H . -16.79 7.16 -1.79
H72 LFA H . -17.13 7.88 -0.43
H81 LFA H . -19.45 7.38 -0.79
H82 LFA H . -19.02 6.51 -2.05
H91 LFA H . -18.03 4.95 -0.74
H92 LFA H . -17.93 5.93 0.48
H101 LFA H . -20.43 4.96 -0.44
H102 LFA H . -20.19 5.80 0.89
C1 LFA I . 17.13 -2.19 -8.66
C2 LFA I . 18.22 -1.50 -7.88
C3 LFA I . 18.17 -1.78 -6.41
C4 LFA I . 19.03 -2.92 -5.95
H11 LFA I . 16.26 -1.87 -8.35
H12 LFA I . 17.18 -3.15 -8.53
H13 LFA I . 17.22 -1.98 -9.61
H21 LFA I . 19.08 -1.79 -8.23
H22 LFA I . 18.15 -0.54 -8.02
H31 LFA I . 17.25 -1.97 -6.17
H32 LFA I . 18.45 -0.98 -5.94
H41 LFA I . 18.97 -3.65 -6.60
H42 LFA I . 19.95 -2.62 -5.89
C1 LFA J . 18.85 9.61 -16.30
C2 LFA J . 19.68 8.54 -15.63
C3 LFA J . 19.51 8.42 -14.13
C4 LFA J . 19.61 7.01 -13.64
C5 LFA J . 20.15 6.86 -12.25
C6 LFA J . 19.65 5.63 -11.56
C7 LFA J . 20.44 5.21 -10.36
C8 LFA J . 20.32 3.74 -10.05
C9 LFA J . 21.28 3.25 -9.02
C10 LFA J . 21.86 4.34 -8.15
H11 LFA J . 17.91 9.44 -16.14
H12 LFA J . 19.02 9.60 -17.26
H13 LFA J . 19.09 10.47 -15.93
H21 LFA J . 19.44 7.68 -16.02
H22 LFA J . 20.61 8.71 -15.82
H31 LFA J . 18.65 8.78 -13.89
H32 LFA J . 20.20 8.95 -13.71
H41 LFA J . 20.20 6.52 -14.24
H42 LFA J . 18.74 6.61 -13.68
H51 LFA J . 21.11 6.83 -12.29
H52 LFA J . 19.87 7.63 -11.73
H61 LFA J . 19.66 4.90 -12.20
H62 LFA J . 18.73 5.78 -11.30
H71 LFA J . 20.11 5.72 -9.60
H72 LFA J . 21.36 5.43 -10.52
H81 LFA J . 19.42 3.56 -9.75
H82 LFA J . 20.47 3.24 -10.87
H91 LFA J . 20.82 2.61 -8.44
H92 LFA J . 22.01 2.78 -9.45
H101 LFA J . 22.49 4.87 -8.67
H102 LFA J . 21.16 4.90 -7.80
C1 LFA K . -6.02 11.70 7.25
C2 LFA K . -4.69 11.03 7.51
C3 LFA K . -4.80 9.82 8.39
C4 LFA K . -3.48 9.30 8.86
C5 LFA K . -3.46 8.88 10.30
C6 LFA K . -3.30 7.41 10.49
C7 LFA K . -2.68 7.03 11.80
C8 LFA K . -2.34 5.57 11.90
C9 LFA K . -2.10 5.10 13.30
C10 LFA K . -1.62 3.69 13.39
C11 LFA K . -0.52 3.37 12.42
H11 LFA K . -5.88 12.47 6.66
H12 LFA K . -6.62 11.08 6.83
H13 LFA K . -6.40 12.00 8.09
H21 LFA K . -4.30 10.77 6.66
H22 LFA K . -4.11 11.67 7.94
H31 LFA K . -5.35 10.05 9.16
H32 LFA K . -5.26 9.12 7.90
H41 LFA K . -3.24 8.55 8.30
H42 LFA K . -2.81 10.00 8.73
H51 LFA K . -4.27 9.17 10.72
H52 LFA K . -2.71 9.32 10.73
H61 LFA K . -2.76 7.05 9.78
H62 LFA K . -4.18 7.01 10.45
H71 LFA K . -3.29 7.26 12.52
H72 LFA K . -1.86 7.54 11.90
H81 LFA K . -1.55 5.42 11.37
H82 LFA K . -3.08 5.06 11.52
H91 LFA K . -2.93 5.18 13.81
H92 LFA K . -1.44 5.69 13.71
H101 LFA K . -2.36 3.09 13.22
H102 LFA K . -1.29 3.52 14.29
H111 LFA K . -0.90 3.18 11.56
H112 LFA K . 0.09 4.12 12.36
C10 OLC L . -13.38 -4.53 -4.30
C9 OLC L . -14.37 -4.28 -3.43
C11 OLC L . -12.90 -5.95 -4.54
C8 OLC L . -14.81 -2.85 -3.20
C24 OLC L . -20.68 -10.85 3.03
C12 OLC L . -11.39 -5.98 -4.61
C7 OLC L . -16.18 -2.76 -2.55
C13 OLC L . -10.88 -6.91 -5.70
C6 OLC L . -16.22 -3.39 -1.16
C5 OLC L . -16.19 -4.91 -1.25
C4 OLC L . -17.46 -5.54 -0.70
C3 OLC L . -17.28 -7.05 -0.54
C2 OLC L . -18.62 -7.69 -0.23
C21 OLC L . -19.22 -11.30 1.01
C1 OLC L . -18.50 -9.18 -0.07
C22 OLC L . -19.58 -11.72 2.42
O19 OLC L . -17.66 -9.81 -0.67
O25 OLC L . -20.52 -10.78 4.45
O23 OLC L . -19.99 -13.09 2.38
O20 OLC L . -19.40 -9.90 0.82
H10 OLC L . -12.98 -3.84 -4.76
H9 OLC L . -14.70 -5.00 -3.01
H11 OLC L . -13.20 -6.52 -3.82
H11A OLC L . -13.28 -6.27 -5.38
H8 OLC L . -14.16 -2.41 -2.62
H8A OLC L . -14.83 -2.39 -4.05
H24 OLC L . -20.64 -9.95 2.67
H24A OLC L . -21.54 -11.23 2.82
H12 OLC L . -11.04 -6.29 -3.76
H12A OLC L . -11.07 -5.09 -4.78
H7 OLC L . -16.44 -1.83 -2.48
H7A OLC L . -16.82 -3.22 -3.11
H13 OLC L . -11.24 -7.80 -5.56
H13A OLC L . -11.17 -6.58 -6.57
H6 OLC L . -15.44 -3.09 -0.65
H6A OLC L . -17.02 -3.11 -0.70
H5 OLC L . -15.40 -5.27 -0.84
H5A OLC L . -16.27 -5.16 -2.18
H4 OLC L . -17.67 -5.15 0.16
H4A OLC L . -18.19 -5.37 -1.32
H3 OLC L . -16.93 -7.42 -1.37
H3A OLC L . -16.67 -7.23 0.18
H2 OLC L . -19.25 -7.50 -0.95
H2A OLC L . -18.97 -7.31 0.60
H21 OLC L . -18.29 -11.52 0.84
H21A OLC L . -19.77 -11.78 0.39
C11 LFA M . 7.14 5.57 9.76
C12 LFA M . 5.74 5.58 10.30
C13 LFA M . 5.27 4.22 10.79
C14 LFA M . 3.79 4.03 10.76
C15 LFA M . 3.29 3.04 11.77
C16 LFA M . 2.06 2.29 11.37
C17 LFA M . 1.73 1.15 12.29
C18 LFA M . 2.52 -0.11 12.04
C19 LFA M . 3.54 -0.44 13.09
C20 LFA M . 3.01 -0.48 14.49
C1 LFA N . 1.76 -13.78 -10.90
C2 LFA N . 1.25 -14.95 -10.07
C3 LFA N . 2.24 -15.47 -9.07
C4 LFA N . 1.63 -15.97 -7.79
C5 LFA N . 1.34 -17.45 -7.76
C6 LFA N . 2.33 -18.24 -6.97
C7 LFA N . 1.78 -19.48 -6.32
C8 LFA N . 2.78 -20.27 -5.53
H11 LFA N . 2.55 -14.07 -11.39
H12 LFA N . 1.99 -13.05 -10.31
H13 LFA N . 1.07 -13.50 -11.52
H21 LFA N . 1.01 -15.68 -10.68
H22 LFA N . 0.44 -14.67 -9.61
H31 LFA N . 2.73 -16.19 -9.48
H32 LFA N . 2.85 -14.74 -8.86
H41 LFA N . 2.22 -15.75 -7.05
H42 LFA N . 0.79 -15.52 -7.66
H51 LFA N . 0.46 -17.59 -7.39
H52 LFA N . 1.34 -17.78 -8.68
H61 LFA N . 3.06 -18.51 -7.55
H62 LFA N . 2.70 -17.68 -6.27
H71 LFA N . 1.05 -19.21 -5.72
H72 LFA N . 1.41 -20.05 -7.01
H81 LFA N . 2.99 -19.80 -4.71
H82 LFA N . 3.59 -20.38 -6.06
C1 LFA O . 6.08 -7.65 -10.91
C2 LFA O . 4.66 -7.21 -11.07
C3 LFA O . 4.51 -6.07 -12.07
C4 LFA O . 5.39 -6.18 -13.28
H11 LFA O . 6.24 -8.43 -11.45
H12 LFA O . 6.68 -6.94 -11.17
H13 LFA O . 6.25 -7.86 -9.98
H21 LFA O . 4.31 -6.91 -10.23
H22 LFA O . 4.12 -7.95 -11.39
H31 LFA O . 4.73 -5.25 -11.62
H32 LFA O . 3.58 -6.03 -12.36
H41 LFA O . 5.11 -5.53 -13.94
H42 LFA O . 5.31 -7.07 -13.66
C1 LFA P . 4.31 7.74 -26.91
C2 LFA P . 4.60 6.27 -27.15
C3 LFA P . 5.39 5.66 -26.03
C4 LFA P . 4.55 4.93 -25.02
C5 LFA P . 5.15 3.61 -24.58
C6 LFA P . 4.60 3.08 -23.28
C7 LFA P . 5.22 1.77 -22.87
C8 LFA P . 4.88 1.32 -21.47
C9 LFA P . 4.73 -0.16 -21.31
C10 LFA P . 5.48 -0.73 -20.14
H11 LFA P . 5.15 8.22 -26.84
H12 LFA P . 3.81 7.84 -26.09
H13 LFA P . 3.79 8.09 -27.65
H21 LFA P . 5.11 6.19 -27.97
H22 LFA P . 3.75 5.80 -27.25
H31 LFA P . 5.87 6.36 -25.58
H32 LFA P . 6.03 5.04 -26.41
H41 LFA P . 4.43 5.49 -24.25
H42 LFA P . 3.67 4.74 -25.40
H51 LFA P . 6.10 3.74 -24.48
H52 LFA P . 4.99 2.96 -25.27
H61 LFA P . 3.65 2.97 -23.37
H62 LFA P . 4.77 3.73 -22.58
H71 LFA P . 4.92 1.08 -23.50
H72 LFA P . 6.18 1.85 -22.94
H81 LFA P . 4.04 1.75 -21.21
H82 LFA P . 5.58 1.63 -20.88
H91 LFA P . 3.79 -0.37 -21.21
H92 LFA P . 5.06 -0.60 -22.12
H101 LFA P . 6.43 -0.67 -20.30
H102 LFA P . 5.24 -0.23 -19.34
C1 LFA Q . -17.82 8.33 -10.37
C2 LFA Q . -17.45 7.02 -9.77
C3 LFA Q . -17.88 6.90 -8.34
C4 LFA Q . -19.07 6.01 -8.11
C5 LFA Q . -18.77 4.54 -8.28
C6 LFA Q . -19.25 3.66 -7.16
C7 LFA Q . -18.62 2.30 -7.13
C8 LFA Q . -19.62 1.17 -7.07
H11 LFA Q . -17.39 9.05 -9.88
H12 LFA Q . -18.78 8.45 -10.33
H13 LFA Q . -17.53 8.36 -11.30
H21 LFA Q . -17.86 6.30 -10.28
H22 LFA Q . -16.48 6.91 -9.81
H31 LFA Q . -18.09 7.78 -8.01
H32 LFA Q . -17.13 6.55 -7.82
H41 LFA Q . -19.40 6.15 -7.21
H42 LFA Q . -19.76 6.26 -8.74
H51 LFA Q . -19.19 4.24 -9.12
H52 LFA Q . -17.81 4.43 -8.36
H61 LFA Q . -20.22 3.55 -7.24
H62 LFA Q . -19.07 4.10 -6.32
H71 LFA Q . -18.05 2.24 -6.36
H72 LFA Q . -18.09 2.19 -7.93
H81 LFA Q . -20.22 1.30 -6.32
H82 LFA Q . -20.13 1.13 -7.88
C1 LFA R . -17.10 9.22 -16.93
C2 LFA R . -17.82 7.90 -16.66
C3 LFA R . -18.59 8.01 -15.36
C4 LFA R . -19.38 6.73 -15.12
C5 LFA R . -18.46 5.62 -14.61
C6 LFA R . -19.24 4.73 -13.66
C7 LFA R . -18.40 3.52 -13.24
C8 LFA R . -18.96 2.94 -11.93
C9 LFA R . -18.80 1.43 -11.92
C10 LFA R . -17.35 1.06 -12.19
C11 LFA R . -17.21 -0.46 -12.17
C12 LFA R . -16.15 -0.85 -11.12
C13 LFA R . -16.73 -1.96 -10.24
C14 LFA R . -15.59 -2.87 -9.76
H11 LFA R . -16.60 9.16 -17.78
H12 LFA R . -16.47 9.41 -16.22
H13 LFA R . -17.74 9.95 -17.00
H21 LFA R . -18.44 7.72 -17.39
H22 LFA R . -17.17 7.19 -16.60
H31 LFA R . -17.98 8.15 -14.62
H32 LFA R . -19.21 8.76 -15.40
H41 LFA R . -20.08 6.89 -14.46
H42 LFA R . -19.80 6.45 -15.95
H51 LFA R . -18.15 5.09 -15.37
H52 LFA R . -17.70 6.01 -14.15
H61 LFA R . -20.05 4.41 -14.09
H62 LFA R . -19.48 5.24 -12.87
H71 LFA R . -17.48 3.79 -13.11
H72 LFA R . -18.45 2.84 -13.93
H81 LFA R . -18.48 3.33 -11.19
H82 LFA R . -19.91 3.17 -11.87
H91 LFA R . -19.07 1.09 -11.05
H92 LFA R . -19.37 1.03 -12.60
H101 LFA R . -16.78 1.48 -11.52
H102 LFA R . -17.08 1.37 -13.07
H111 LFA R . -18.06 -0.86 -11.94
H112 LFA R . -16.92 -0.77 -13.03
H121 LFA R . -15.36 -1.17 -11.57
H122 LFA R . -15.93 -0.10 -10.56
H131 LFA R . -17.36 -2.49 -10.74
H132 LFA R . -17.17 -1.56 -9.47
H141 LFA R . -14.89 -2.33 -9.37
H142 LFA R . -15.23 -3.34 -10.53
C12 LFA S . 20.46 -2.54 0.49
C13 LFA S . 19.53 -3.34 1.36
C14 LFA S . 19.55 -4.81 1.06
C15 LFA S . 19.19 -5.14 -0.35
C16 LFA S . 18.06 -6.13 -0.47
C17 LFA S . 18.27 -7.22 -1.47
C18 LFA S . 17.89 -8.58 -0.95
C19 LFA S . 18.58 -8.96 0.34
C15 LFA T . 19.81 -9.52 2.82
C16 LFA T . 20.04 -10.42 4.01
C17 LFA T . 19.42 -9.90 5.28
C18 LFA T . 18.91 -10.95 6.22
C19 LFA T . 17.90 -10.46 7.21
C20 LFA T . 18.18 -9.06 7.73
C18 LFA U . -12.00 -2.49 -9.31
C19 LFA U . -10.52 -2.68 -9.48
C20 LFA U . -9.98 -3.80 -8.63
C14 LFA V . 11.91 -3.57 -10.49
C15 LFA V . 11.24 -4.01 -9.22
C16 LFA V . 10.54 -5.34 -9.30
C17 LFA V . 10.81 -6.25 -8.13
C18 LFA V . 10.34 -7.67 -8.32
C19 LFA V . 10.87 -8.64 -7.30
C20 LFA V . 9.91 -9.75 -6.94
C1 LFA W . 6.24 20.56 -2.01
C2 LFA W . 5.59 20.24 -0.66
C3 LFA W . 4.61 19.08 -0.80
C4 LFA W . 4.12 18.63 0.58
C5 LFA W . 4.46 17.15 0.77
C6 LFA W . 4.02 16.71 2.17
C7 LFA W . 4.11 15.19 2.28
C8 LFA W . 3.84 14.74 3.71
C9 LFA W . 3.52 13.24 3.74
C10 LFA W . 4.05 12.63 5.03
C11 LFA W . 2.89 12.25 5.95
C12 LFA W . 3.16 12.74 7.37
C13 LFA W . 1.88 12.58 8.20
C14 LFA W . 1.88 13.53 9.39
C15 LFA W . 0.71 13.18 10.29
C16 LFA W . -0.58 13.78 9.72
H11 LFA W . 5.55 20.79 -2.65
H12 LFA W . 6.85 21.30 -1.91
H13 LFA W . 6.72 19.77 -2.32
H21 LFA W . 6.27 20.01 -0.01
H22 LFA W . 5.10 21.03 -0.35
H31 LFA W . 3.85 19.36 -1.34
H32 LFA W . 5.06 18.34 -1.24
H41 LFA W . 4.56 19.16 1.26
H42 LFA W . 3.16 18.76 0.63
H51 LFA W . 5.42 17.03 0.68
H52 LFA W . 4.00 16.63 0.11
H61 LFA W . 3.10 16.99 2.34
H62 LFA W . 4.61 17.11 2.84
H71 LFA W . 3.45 14.78 1.68
H72 LFA W . 4.99 14.90 2.00
H81 LFA W . 3.10 15.23 4.07
H82 LFA W . 4.64 14.91 4.24
H91 LFA W . 2.56 13.13 3.67
H92 LFA W . 3.94 12.80 2.99
H101 LFA W . 4.56 11.82 4.82
H102 LFA W . 4.62 13.25 5.49
H111 LFA W . 2.07 12.65 5.63
H112 LFA W . 2.79 11.28 5.95
H121 LFA W . 3.41 13.67 7.34
H122 LFA W . 3.87 12.21 7.76
H131 LFA W . 1.12 12.76 7.64
H132 LFA W . 1.84 11.66 8.52
H141 LFA W . 1.80 14.44 9.07
H142 LFA W . 2.71 13.44 9.88
H151 LFA W . 0.62 12.23 10.37
H152 LFA W . 0.87 13.56 11.18
H161 LFA W . -1.23 13.07 9.58
H162 LFA W . -0.39 14.26 8.90
C1 LFA X . 23.44 10.82 -12.69
C2 LFA X . 23.18 10.10 -11.40
C3 LFA X . 24.41 9.46 -10.81
C4 LFA X . 24.19 8.11 -10.19
C5 LFA X . 25.41 7.50 -9.58
C6 LFA X . 25.14 6.24 -8.80
H11 LFA X . 23.74 10.19 -13.36
H12 LFA X . 22.62 11.25 -13.00
H13 LFA X . 24.13 11.49 -12.56
H21 LFA X . 22.51 9.41 -11.55
H22 LFA X . 22.82 10.73 -10.75
H31 LFA X . 24.76 10.04 -10.14
H32 LFA X . 25.06 9.36 -11.52
H41 LFA X . 23.86 7.50 -10.88
H42 LFA X . 23.51 8.20 -9.50
H51 LFA X . 25.81 8.15 -8.98
H52 LFA X . 26.04 7.29 -10.29
H61 LFA X . 24.46 6.41 -8.13
H62 LFA X . 25.96 5.95 -8.36
C24 OLC Y . 0.72 20.33 1.28
C6 OLC Y . -1.72 13.14 7.17
C5 OLC Y . -2.39 14.13 6.23
C4 OLC Y . -1.33 14.90 5.45
C3 OLC Y . -1.27 16.37 5.86
C2 OLC Y . 0.10 16.98 5.60
C21 OLC Y . 1.41 19.29 3.42
C1 OLC Y . -0.09 18.40 5.16
C22 OLC Y . 0.96 20.59 2.76
O19 OLC Y . -1.20 18.89 5.09
O25 OLC Y . 1.53 21.19 0.47
O23 OLC Y . -0.29 20.98 3.31
O20 OLC Y . 1.03 19.25 4.79
H24 OLC Y . -0.21 20.49 1.08
H24A OLC Y . 0.95 19.41 1.08
H6 OLC Y . -0.82 12.96 6.85
H6A OLC Y . -2.22 12.31 7.17
C16 LFA Z . -22.95 0.13 5.18
C17 LFA Z . -22.52 0.14 3.73
C18 LFA Z . -21.94 -1.17 3.27
C19 LFA Z . -21.68 -2.10 4.42
C20 LFA Z . -22.60 -3.29 4.44
C1 OLA AA . 13.56 10.18 -20.07
O1 OLA AA . 13.92 11.36 -19.96
O2 OLA AA . 12.46 9.83 -20.56
C2 OLA AA . 14.49 9.09 -19.56
C3 OLA AA . 14.78 9.11 -18.10
C4 OLA AA . 14.37 7.83 -17.41
C5 OLA AA . 15.46 6.79 -17.34
C6 OLA AA . 15.75 6.29 -15.95
C7 OLA AA . 15.52 4.80 -15.77
C8 OLA AA . 16.28 4.18 -14.65
C9 OLA AA . 16.19 2.68 -14.69
C10 OLA AA . 16.45 1.89 -13.70
C11 OLA AA . 16.12 0.43 -13.65
C12 OLA AA . 17.33 -0.45 -13.65
C13 OLA AA . 17.68 -1.05 -12.31
C14 OLA AA . 18.54 -0.16 -11.44
H21 OLA AA . 15.45 9.19 -20.09
H22 OLA AA . 14.08 8.12 -19.84
H31 OLA AA . 15.83 9.30 -17.93
H32 OLA AA . 14.23 9.90 -17.66
H41 OLA AA . 14.02 8.06 -16.42
H42 OLA AA . 13.52 7.39 -17.94
H51 OLA AA . 15.17 5.95 -17.96
H52 OLA AA . 16.37 7.20 -17.76
H61 OLA AA . 16.79 6.50 -15.72
H62 OLA AA . 15.14 6.83 -15.23
H71 OLA AA . 14.45 4.63 -15.60
H72 OLA AA . 15.78 4.29 -16.69
H81 OLA AA . 17.32 4.47 -14.72
H82 OLA AA . 15.88 4.54 -13.70
H9 OLA AA . 15.88 2.23 -15.63
H10 OLA AA . 16.97 2.30 -12.84
H111 OLA AA . 15.49 0.18 -14.52
H112 OLA AA . 15.52 0.24 -12.76
H121 OLA AA . 18.18 0.02 -14.13
H122 OLA AA . 17.02 -1.31 -14.20
H131 OLA AA . 16.76 -1.28 -11.77
H132 OLA AA . 18.20 -1.99 -12.47
H141 OLA AA . 18.02 0.78 -11.28
H142 OLA AA . 19.48 0.04 -11.95
C2 LFA BA . 12.97 -2.33 -14.04
C3 LFA BA . 12.17 -3.26 -13.17
C1 LFA CA . 4.81 -10.65 -10.66
C2 LFA CA . 5.85 -10.47 -9.54
C3 LFA CA . 6.66 -11.76 -9.40
C4 LFA CA . 6.21 -12.50 -8.15
H11 LFA CA . 5.25 -10.55 -11.52
H12 LFA CA . 4.11 -9.98 -10.56
H13 LFA CA . 4.42 -11.53 -10.59
H21 LFA CA . 6.49 -9.79 -9.77
H22 LFA CA . 5.42 -10.25 -8.71
H31 LFA CA . 6.52 -12.32 -10.18
H32 LFA CA . 7.60 -11.54 -9.33
H41 LFA CA . 5.27 -12.33 -7.97
H42 LFA CA . 6.75 -12.23 -7.39
#